data_1YUK
#
_entry.id   1YUK
#
_cell.length_a   58.600
_cell.length_b   31.818
_cell.length_c   74.950
_cell.angle_alpha   90.00
_cell.angle_beta   91.20
_cell.angle_gamma   90.00
#
_symmetry.space_group_name_H-M   'P 1 21 1'
#
loop_
_entity.id
_entity.type
_entity.pdbx_description
1 polymer 'Integrin beta-2 A chain'
2 polymer 'Integrin beta-2 B chain'
3 non-polymer 2-acetamido-2-deoxy-alpha-D-glucopyranose
4 water water
#
loop_
_entity_poly.entity_id
_entity_poly.type
_entity_poly.pdbx_seq_one_letter_code
_entity_poly.pdbx_strand_id
1 'polypeptide(L)'
;QECTKFKVSSCRECIESGPGCTWCQKLNFTGPGDPDSIRCDTRPQLLMRGCAADDIMDPTSLAETQEDHNGGQKQLSPQK
VTLYLRPGQAAAFNVTFRRAKGY
;
A
2 'polypeptide(L)'
;SRVFLDHNALPDTLKVTYDSFCSNGVTHRNQPRGDCDGVQINVPITFQVKVTATECIQEQSFVIRALGFTDIVTVQVLPQ
CECRCRDQSRDRSLCHGKGFLECGICRCDTGYIGKNCEHH
;
B
#
# COMPACT_ATOMS: atom_id res chain seq x y z
N GLN A 1 5.57 -7.04 9.56
CA GLN A 1 6.04 -8.44 9.75
C GLN A 1 5.14 -9.21 10.70
N GLU A 2 3.91 -8.73 10.88
CA GLU A 2 2.92 -9.36 11.75
C GLU A 2 1.59 -9.42 11.02
N CYS A 3 0.83 -10.50 11.23
CA CYS A 3 -0.46 -10.63 10.57
C CYS A 3 -1.50 -11.32 11.45
N THR A 4 -2.51 -10.57 11.85
CA THR A 4 -3.59 -11.10 12.67
C THR A 4 -4.90 -11.07 11.90
N LYS A 5 -5.32 -12.23 11.40
CA LYS A 5 -6.56 -12.34 10.65
C LYS A 5 -7.47 -13.36 11.32
N PHE A 6 -8.73 -13.40 10.89
CA PHE A 6 -9.70 -14.34 11.45
C PHE A 6 -10.65 -14.88 10.40
N LYS A 7 -10.49 -16.16 10.07
CA LYS A 7 -11.31 -16.84 9.09
C LYS A 7 -11.50 -16.08 7.77
N VAL A 8 -10.43 -15.42 7.32
CA VAL A 8 -10.48 -14.68 6.07
C VAL A 8 -10.84 -15.68 4.98
N SER A 9 -11.67 -15.29 4.03
CA SER A 9 -12.06 -16.22 2.96
C SER A 9 -11.58 -15.82 1.57
N SER A 10 -10.89 -14.68 1.48
CA SER A 10 -10.40 -14.21 0.20
C SER A 10 -9.13 -13.39 0.36
N CYS A 11 -8.45 -13.14 -0.75
CA CYS A 11 -7.22 -12.36 -0.76
C CYS A 11 -7.52 -10.93 -0.30
N ARG A 12 -8.65 -10.39 -0.75
CA ARG A 12 -9.04 -9.04 -0.38
C ARG A 12 -9.22 -8.94 1.14
N GLU A 13 -9.95 -9.89 1.72
CA GLU A 13 -10.16 -9.90 3.17
C GLU A 13 -8.82 -10.00 3.89
N CYS A 14 -7.90 -10.78 3.33
CA CYS A 14 -6.58 -10.95 3.92
C CYS A 14 -5.81 -9.63 3.95
N ILE A 15 -5.72 -8.97 2.80
CA ILE A 15 -5.00 -7.71 2.72
C ILE A 15 -5.57 -6.68 3.69
N GLU A 16 -6.88 -6.69 3.85
CA GLU A 16 -7.55 -5.75 4.75
C GLU A 16 -7.34 -6.08 6.23
N SER A 17 -6.73 -7.24 6.50
CA SER A 17 -6.49 -7.65 7.87
C SER A 17 -5.25 -6.99 8.49
N GLY A 18 -4.43 -6.36 7.66
CA GLY A 18 -3.25 -5.71 8.18
C GLY A 18 -2.16 -5.52 7.14
N PRO A 19 -1.23 -4.57 7.37
CA PRO A 19 -0.14 -4.30 6.43
C PRO A 19 0.88 -5.43 6.30
N GLY A 20 0.99 -6.26 7.32
CA GLY A 20 1.95 -7.36 7.26
C GLY A 20 1.37 -8.64 6.68
N CYS A 21 0.07 -8.64 6.39
CA CYS A 21 -0.56 -9.83 5.84
C CYS A 21 -0.34 -9.99 4.33
N THR A 22 -0.08 -11.22 3.92
CA THR A 22 0.11 -11.56 2.52
C THR A 22 -0.73 -12.80 2.21
N TRP A 23 -0.98 -13.05 0.93
CA TRP A 23 -1.81 -14.17 0.52
C TRP A 23 -1.19 -15.12 -0.49
N CYS A 24 -1.22 -16.42 -0.17
CA CYS A 24 -0.66 -17.43 -1.06
C CYS A 24 -1.72 -17.92 -2.06
N GLN A 25 -1.46 -17.71 -3.35
CA GLN A 25 -2.42 -18.13 -4.37
C GLN A 25 -2.11 -19.51 -4.95
N LYS A 26 -1.14 -20.21 -4.36
CA LYS A 26 -0.77 -21.54 -4.86
C LYS A 26 -1.93 -22.51 -4.84
N LEU A 27 -2.12 -23.24 -5.94
CA LEU A 27 -3.20 -24.23 -6.00
C LEU A 27 -2.97 -25.33 -4.96
N ASN A 28 -4.06 -25.83 -4.38
CA ASN A 28 -4.03 -26.90 -3.38
C ASN A 28 -3.22 -26.59 -2.14
N PHE A 29 -2.99 -25.31 -1.86
CA PHE A 29 -2.20 -24.91 -0.70
C PHE A 29 -2.83 -25.35 0.62
N THR A 30 -4.16 -25.49 0.60
CA THR A 30 -4.91 -25.87 1.79
C THR A 30 -4.99 -27.37 1.99
N GLY A 31 -4.68 -27.82 3.20
CA GLY A 31 -4.74 -29.23 3.52
C GLY A 31 -6.15 -29.65 3.90
N PRO A 32 -6.38 -30.96 4.07
CA PRO A 32 -7.71 -31.48 4.43
C PRO A 32 -8.30 -30.84 5.69
N GLY A 33 -7.49 -30.72 6.74
CA GLY A 33 -7.98 -30.15 7.98
C GLY A 33 -7.69 -28.67 8.19
N ASP A 34 -7.64 -27.90 7.11
CA ASP A 34 -7.37 -26.47 7.22
C ASP A 34 -8.36 -25.59 6.47
N PRO A 35 -8.64 -24.39 7.01
CA PRO A 35 -9.56 -23.42 6.43
C PRO A 35 -8.80 -22.61 5.38
N ASP A 36 -9.53 -21.94 4.48
CA ASP A 36 -8.88 -21.15 3.45
C ASP A 36 -8.00 -20.05 4.05
N SER A 37 -8.30 -19.69 5.29
CA SER A 37 -7.56 -18.64 5.99
C SER A 37 -6.08 -18.94 6.14
N ILE A 38 -5.69 -20.20 5.95
CA ILE A 38 -4.27 -20.58 6.08
C ILE A 38 -3.44 -19.91 4.99
N ARG A 39 -4.11 -19.54 3.90
CA ARG A 39 -3.43 -18.86 2.78
C ARG A 39 -3.00 -17.44 3.17
N CYS A 40 -3.55 -16.96 4.28
CA CYS A 40 -3.24 -15.60 4.75
C CYS A 40 -2.29 -15.58 5.94
N ASP A 41 -1.09 -15.01 5.75
CA ASP A 41 -0.11 -14.94 6.84
C ASP A 41 1.03 -14.00 6.44
N THR A 42 2.05 -13.88 7.28
CA THR A 42 3.18 -13.02 6.95
C THR A 42 4.00 -13.72 5.87
N ARG A 43 4.71 -12.92 5.07
CA ARG A 43 5.52 -13.46 3.99
C ARG A 43 6.41 -14.62 4.43
N PRO A 44 7.18 -14.45 5.52
CA PRO A 44 8.05 -15.53 6.01
C PRO A 44 7.29 -16.81 6.35
N GLN A 45 6.09 -16.66 6.91
CA GLN A 45 5.29 -17.81 7.28
C GLN A 45 4.84 -18.59 6.04
N LEU A 46 4.39 -17.89 4.99
CA LEU A 46 3.97 -18.57 3.77
C LEU A 46 5.15 -19.26 3.06
N LEU A 47 6.31 -18.62 3.06
CA LEU A 47 7.48 -19.21 2.42
C LEU A 47 7.83 -20.52 3.13
N MET A 48 7.72 -20.52 4.45
CA MET A 48 8.00 -21.70 5.25
C MET A 48 7.15 -22.88 4.81
N ARG A 49 5.90 -22.60 4.44
CA ARG A 49 4.97 -23.65 4.01
C ARG A 49 5.08 -24.02 2.54
N GLY A 50 6.08 -23.49 1.86
CA GLY A 50 6.26 -23.82 0.46
C GLY A 50 5.61 -22.95 -0.59
N CYS A 51 5.11 -21.77 -0.22
CA CYS A 51 4.51 -20.90 -1.23
C CYS A 51 5.67 -20.18 -1.94
N ALA A 52 5.69 -20.25 -3.26
CA ALA A 52 6.74 -19.60 -4.04
C ALA A 52 6.58 -18.08 -3.96
N ALA A 53 7.71 -17.38 -4.00
CA ALA A 53 7.73 -15.93 -3.94
C ALA A 53 6.73 -15.28 -4.90
N ASP A 54 6.59 -15.81 -6.12
CA ASP A 54 5.66 -15.21 -7.06
C ASP A 54 4.21 -15.62 -6.88
N ASP A 55 3.92 -16.46 -5.88
CA ASP A 55 2.54 -16.84 -5.59
C ASP A 55 2.07 -16.11 -4.34
N ILE A 56 2.92 -15.24 -3.80
CA ILE A 56 2.55 -14.49 -2.60
C ILE A 56 2.07 -13.10 -3.02
N MET A 57 0.79 -12.85 -2.79
CA MET A 57 0.17 -11.57 -3.14
C MET A 57 0.43 -10.60 -1.98
N ASP A 58 1.00 -9.45 -2.30
CA ASP A 58 1.33 -8.47 -1.28
C ASP A 58 1.34 -7.05 -1.84
N PRO A 59 0.14 -6.52 -2.14
CA PRO A 59 0.04 -5.16 -2.68
C PRO A 59 0.80 -4.24 -1.73
N THR A 60 1.68 -3.39 -2.27
CA THR A 60 2.50 -2.51 -1.44
C THR A 60 2.34 -1.02 -1.77
N SER A 61 2.41 -0.17 -0.73
CA SER A 61 2.30 1.28 -0.92
C SER A 61 3.43 1.78 -1.79
N LEU A 62 3.09 2.64 -2.75
CA LEU A 62 4.07 3.18 -3.69
C LEU A 62 3.85 4.67 -3.91
N ALA A 63 4.93 5.39 -4.22
CA ALA A 63 4.85 6.82 -4.50
C ALA A 63 5.52 7.07 -5.83
N GLU A 64 4.82 7.75 -6.73
CA GLU A 64 5.37 8.09 -8.04
C GLU A 64 5.30 9.60 -8.13
N THR A 65 6.38 10.22 -8.60
CA THR A 65 6.40 11.67 -8.71
C THR A 65 6.53 12.11 -10.16
N GLN A 66 6.26 13.38 -10.40
CA GLN A 66 6.36 13.95 -11.73
C GLN A 66 6.90 15.37 -11.63
N GLU A 67 7.95 15.63 -12.41
CA GLU A 67 8.62 16.93 -12.46
C GLU A 67 9.03 17.45 -11.08
N GLN A 73 10.36 22.99 -9.62
CA GLN A 73 10.02 24.20 -10.34
C GLN A 73 10.58 25.43 -9.63
N LYS A 74 9.68 26.21 -9.02
CA LYS A 74 10.08 27.42 -8.32
C LYS A 74 10.72 27.10 -6.97
N GLN A 75 9.91 27.12 -5.92
CA GLN A 75 10.40 26.85 -4.57
C GLN A 75 10.26 25.38 -4.18
N LEU A 76 9.15 24.75 -4.56
CA LEU A 76 8.90 23.35 -4.22
C LEU A 76 8.90 22.40 -5.41
N SER A 77 9.41 21.19 -5.18
CA SER A 77 9.46 20.15 -6.19
C SER A 77 9.44 18.79 -5.48
N PRO A 78 8.84 17.77 -6.11
CA PRO A 78 8.17 17.80 -7.41
C PRO A 78 6.85 18.55 -7.36
N GLN A 79 6.19 18.68 -8.51
CA GLN A 79 4.91 19.39 -8.57
C GLN A 79 3.71 18.45 -8.44
N LYS A 80 3.90 17.19 -8.82
CA LYS A 80 2.83 16.21 -8.74
C LYS A 80 3.33 14.91 -8.14
N VAL A 81 2.50 14.29 -7.33
CA VAL A 81 2.83 13.03 -6.67
C VAL A 81 1.59 12.16 -6.64
N THR A 82 1.75 10.88 -6.98
CA THR A 82 0.64 9.93 -6.96
C THR A 82 1.02 8.85 -5.96
N LEU A 83 0.12 8.60 -5.01
CA LEU A 83 0.38 7.59 -3.98
C LEU A 83 -0.65 6.48 -4.03
N TYR A 84 -0.16 5.25 -3.95
CA TYR A 84 -1.01 4.07 -3.92
C TYR A 84 -0.85 3.62 -2.49
N LEU A 85 -1.91 3.70 -1.71
CA LEU A 85 -1.86 3.39 -0.28
C LEU A 85 -2.46 2.09 0.21
N ARG A 86 -1.61 1.21 0.72
CA ARG A 86 -2.08 -0.05 1.30
C ARG A 86 -2.35 0.33 2.75
N PRO A 87 -3.53 -0.01 3.29
CA PRO A 87 -3.82 0.36 4.68
C PRO A 87 -2.74 -0.02 5.69
N GLY A 88 -2.34 0.96 6.50
CA GLY A 88 -1.32 0.73 7.52
C GLY A 88 0.12 0.80 7.07
N GLN A 89 0.34 0.92 5.75
CA GLN A 89 1.68 0.99 5.20
C GLN A 89 1.97 2.34 4.60
N ALA A 90 2.84 3.11 5.27
CA ALA A 90 3.20 4.44 4.82
C ALA A 90 3.87 4.50 3.45
N ALA A 91 3.50 5.50 2.68
CA ALA A 91 4.09 5.75 1.36
C ALA A 91 4.94 6.97 1.63
N ALA A 92 6.18 6.97 1.16
CA ALA A 92 7.06 8.11 1.41
C ALA A 92 7.61 8.74 0.15
N PHE A 93 7.75 10.06 0.18
CA PHE A 93 8.29 10.81 -0.95
C PHE A 93 8.89 12.10 -0.41
N ASN A 94 9.96 12.57 -1.03
CA ASN A 94 10.62 13.79 -0.59
C ASN A 94 10.22 15.01 -1.38
N VAL A 95 10.10 16.12 -0.66
CA VAL A 95 9.76 17.40 -1.24
C VAL A 95 10.97 18.29 -0.98
N THR A 96 11.44 18.96 -2.02
CA THR A 96 12.60 19.83 -1.89
C THR A 96 12.21 21.29 -1.96
N PHE A 97 12.74 22.07 -1.04
CA PHE A 97 12.46 23.50 -0.99
C PHE A 97 13.74 24.29 -1.20
N ARG A 98 13.76 25.16 -2.22
CA ARG A 98 14.91 26.00 -2.48
C ARG A 98 14.47 27.33 -3.07
N ARG A 99 15.02 28.42 -2.54
CA ARG A 99 14.67 29.75 -2.98
C ARG A 99 15.91 30.57 -3.33
N SER B 1 14.03 32.35 6.61
CA SER B 1 14.82 31.42 7.40
C SER B 1 13.93 30.38 8.06
N ARG B 2 12.68 30.75 8.31
CA ARG B 2 11.72 29.86 8.94
C ARG B 2 10.79 29.29 7.87
N VAL B 3 10.95 28.00 7.56
CA VAL B 3 10.13 27.36 6.55
C VAL B 3 9.31 26.20 7.09
N PHE B 4 7.98 26.35 7.03
CA PHE B 4 7.07 25.30 7.50
C PHE B 4 6.38 24.67 6.29
N LEU B 5 6.25 23.34 6.32
CA LEU B 5 5.55 22.61 5.26
C LEU B 5 4.30 22.03 5.90
N ASP B 6 3.15 22.24 5.27
CA ASP B 6 1.88 21.73 5.81
C ASP B 6 0.92 21.37 4.69
N HIS B 7 -0.20 20.76 5.05
CA HIS B 7 -1.21 20.33 4.06
C HIS B 7 -2.61 20.79 4.47
N ASN B 8 -3.54 20.77 3.52
CA ASN B 8 -4.91 21.18 3.85
C ASN B 8 -5.59 20.09 4.68
N ALA B 9 -6.68 20.42 5.36
CA ALA B 9 -7.38 19.46 6.22
C ALA B 9 -7.74 18.15 5.51
N LEU B 10 -7.41 17.03 6.15
CA LEU B 10 -7.67 15.71 5.57
C LEU B 10 -8.69 14.89 6.36
N PRO B 11 -9.28 13.86 5.74
CA PRO B 11 -10.25 13.05 6.48
C PRO B 11 -9.52 12.23 7.56
N ASP B 12 -10.29 11.66 8.48
CA ASP B 12 -9.74 10.88 9.57
C ASP B 12 -8.97 9.65 9.10
N THR B 13 -9.23 9.21 7.87
CA THR B 13 -8.58 8.03 7.30
C THR B 13 -7.14 8.23 6.80
N LEU B 14 -6.69 9.48 6.72
CA LEU B 14 -5.34 9.76 6.27
C LEU B 14 -4.48 10.41 7.34
N LYS B 15 -3.27 9.88 7.52
CA LYS B 15 -2.34 10.41 8.50
C LYS B 15 -1.06 10.77 7.76
N VAL B 16 -0.54 11.96 8.03
CA VAL B 16 0.66 12.41 7.36
C VAL B 16 1.63 13.04 8.36
N THR B 17 2.90 12.64 8.26
CA THR B 17 3.93 13.16 9.12
C THR B 17 5.07 13.67 8.24
N TYR B 18 5.90 14.54 8.80
CA TYR B 18 7.01 15.09 8.06
C TYR B 18 8.35 14.89 8.77
N ASP B 19 9.37 14.58 7.98
CA ASP B 19 10.73 14.42 8.48
C ASP B 19 11.42 15.67 7.90
N SER B 20 12.08 16.45 8.74
CA SER B 20 12.75 17.66 8.26
C SER B 20 14.26 17.51 8.31
N PHE B 21 14.90 17.51 7.14
CA PHE B 21 16.35 17.39 7.05
C PHE B 21 16.86 18.81 6.78
N CYS B 22 17.02 19.57 7.86
CA CYS B 22 17.48 20.94 7.76
C CYS B 22 18.99 21.06 7.57
N SER B 23 19.47 22.31 7.53
CA SER B 23 20.89 22.57 7.36
C SER B 23 21.64 22.19 8.64
N ASN B 24 22.97 22.15 8.55
CA ASN B 24 23.79 21.81 9.69
C ASN B 24 23.48 20.39 10.19
N GLY B 25 22.95 19.56 9.29
CA GLY B 25 22.63 18.19 9.65
C GLY B 25 21.57 18.06 10.74
N VAL B 26 20.75 19.09 10.89
CA VAL B 26 19.70 19.08 11.88
C VAL B 26 18.49 18.35 11.28
N THR B 27 18.07 17.27 11.92
CA THR B 27 16.95 16.49 11.43
C THR B 27 15.84 16.23 12.44
N HIS B 28 14.60 16.48 12.01
CA HIS B 28 13.43 16.25 12.85
C HIS B 28 12.68 15.09 12.23
N ARG B 29 12.17 14.19 13.07
CA ARG B 29 11.47 13.02 12.59
C ARG B 29 9.99 12.93 12.99
N ASN B 30 9.18 12.44 12.06
CA ASN B 30 7.75 12.22 12.27
C ASN B 30 6.98 13.33 13.00
N GLN B 31 7.03 14.55 12.48
CA GLN B 31 6.32 15.67 13.08
C GLN B 31 5.01 15.97 12.34
N PRO B 32 4.13 16.79 12.95
CA PRO B 32 2.85 17.16 12.33
C PRO B 32 3.03 17.94 11.04
N ARG B 33 4.18 18.60 10.92
CA ARG B 33 4.49 19.38 9.74
C ARG B 33 5.99 19.63 9.63
N GLY B 34 6.44 20.03 8.44
CA GLY B 34 7.83 20.31 8.21
C GLY B 34 8.25 21.59 8.90
N ASP B 35 9.47 21.64 9.41
CA ASP B 35 9.93 22.83 10.11
C ASP B 35 11.46 22.92 10.12
N CYS B 36 11.98 23.94 9.45
CA CYS B 36 13.42 24.19 9.38
C CYS B 36 13.77 25.65 9.56
N ASP B 37 14.97 25.90 10.09
CA ASP B 37 15.46 27.26 10.32
C ASP B 37 16.72 27.52 9.49
N GLY B 38 16.86 28.76 9.03
CA GLY B 38 18.02 29.13 8.24
C GLY B 38 17.74 29.13 6.75
N VAL B 39 18.22 28.10 6.06
CA VAL B 39 18.04 27.97 4.62
C VAL B 39 18.83 29.05 3.86
N GLN B 40 20.09 28.76 3.57
CA GLN B 40 20.93 29.70 2.85
C GLN B 40 20.51 29.78 1.38
N ILE B 41 20.87 30.87 0.72
CA ILE B 41 20.52 31.07 -0.68
C ILE B 41 20.87 29.86 -1.55
N ASN B 42 19.93 29.48 -2.40
CA ASN B 42 20.10 28.34 -3.31
C ASN B 42 20.43 27.03 -2.61
N VAL B 43 20.36 27.01 -1.29
CA VAL B 43 20.64 25.80 -0.53
C VAL B 43 19.34 25.05 -0.31
N PRO B 44 19.17 23.90 -0.98
CA PRO B 44 17.95 23.11 -0.85
C PRO B 44 17.81 22.40 0.49
N ILE B 45 16.57 22.25 0.93
CA ILE B 45 16.27 21.54 2.16
C ILE B 45 15.25 20.49 1.75
N THR B 46 15.32 19.32 2.37
CA THR B 46 14.40 18.25 2.03
C THR B 46 13.50 17.85 3.19
N PHE B 47 12.24 17.57 2.85
CA PHE B 47 11.28 17.13 3.83
C PHE B 47 10.79 15.77 3.34
N GLN B 48 10.75 14.78 4.23
CA GLN B 48 10.25 13.47 3.84
C GLN B 48 8.82 13.34 4.33
N VAL B 49 7.89 13.26 3.38
CA VAL B 49 6.48 13.14 3.72
C VAL B 49 6.07 11.68 3.75
N LYS B 50 5.42 11.27 4.84
CA LYS B 50 4.94 9.89 4.97
C LYS B 50 3.43 9.92 5.12
N VAL B 51 2.74 9.24 4.19
CA VAL B 51 1.28 9.20 4.21
C VAL B 51 0.77 7.78 4.46
N THR B 52 -0.09 7.64 5.45
CA THR B 52 -0.64 6.33 5.78
C THR B 52 -2.17 6.38 5.82
N ALA B 53 -2.81 5.41 5.16
CA ALA B 53 -4.26 5.32 5.16
C ALA B 53 -4.62 4.25 6.19
N THR B 54 -5.73 4.45 6.90
CA THR B 54 -6.17 3.49 7.91
C THR B 54 -7.10 2.43 7.34
N GLU B 55 -7.55 2.63 6.11
CA GLU B 55 -8.44 1.70 5.43
C GLU B 55 -8.31 1.89 3.93
N CYS B 56 -9.05 1.12 3.16
CA CYS B 56 -9.02 1.25 1.70
C CYS B 56 -9.85 2.50 1.41
N ILE B 57 -9.16 3.58 1.08
CA ILE B 57 -9.84 4.85 0.83
C ILE B 57 -10.35 5.07 -0.57
N GLN B 58 -11.21 6.07 -0.70
CA GLN B 58 -11.76 6.47 -1.99
C GLN B 58 -10.69 7.43 -2.49
N GLU B 59 -10.42 7.42 -3.79
CA GLU B 59 -9.40 8.30 -4.34
C GLU B 59 -9.72 9.76 -4.03
N GLN B 60 -8.69 10.55 -3.78
CA GLN B 60 -8.88 11.96 -3.51
C GLN B 60 -7.53 12.65 -3.66
N SER B 61 -7.54 13.97 -3.61
CA SER B 61 -6.31 14.71 -3.73
C SER B 61 -6.23 15.70 -2.57
N PHE B 62 -5.03 16.23 -2.36
CA PHE B 62 -4.80 17.24 -1.35
C PHE B 62 -3.54 17.96 -1.77
N VAL B 63 -3.21 19.04 -1.08
CA VAL B 63 -2.03 19.82 -1.42
C VAL B 63 -1.10 20.02 -0.23
N ILE B 64 0.18 20.18 -0.56
CA ILE B 64 1.20 20.44 0.43
C ILE B 64 1.77 21.80 0.02
N ARG B 65 1.96 22.69 0.98
CA ARG B 65 2.49 24.02 0.70
C ARG B 65 3.47 24.45 1.79
N ALA B 66 4.34 25.39 1.43
CA ALA B 66 5.30 25.97 2.36
C ALA B 66 4.65 27.30 2.73
N LEU B 67 4.36 27.50 4.01
CA LEU B 67 3.70 28.72 4.47
C LEU B 67 4.42 29.98 3.98
N GLY B 68 3.65 30.91 3.45
CA GLY B 68 4.22 32.15 2.96
C GLY B 68 4.57 32.14 1.48
N PHE B 69 4.49 30.98 0.84
CA PHE B 69 4.81 30.86 -0.57
C PHE B 69 3.61 30.32 -1.35
N THR B 70 3.54 30.65 -2.64
CA THR B 70 2.41 30.23 -3.48
C THR B 70 2.56 28.87 -4.16
N ASP B 71 3.73 28.25 -4.01
CA ASP B 71 3.98 26.95 -4.60
C ASP B 71 3.02 25.90 -4.04
N ILE B 72 2.72 24.90 -4.84
CA ILE B 72 1.83 23.82 -4.45
C ILE B 72 2.32 22.47 -4.96
N VAL B 73 2.31 21.47 -4.08
CA VAL B 73 2.68 20.11 -4.47
C VAL B 73 1.33 19.43 -4.45
N THR B 74 0.89 18.95 -5.61
CA THR B 74 -0.38 18.27 -5.70
C THR B 74 -0.19 16.80 -5.39
N VAL B 75 -0.98 16.30 -4.44
CA VAL B 75 -0.89 14.90 -4.05
C VAL B 75 -2.16 14.15 -4.35
N GLN B 76 -2.07 13.13 -5.21
CA GLN B 76 -3.23 12.31 -5.53
C GLN B 76 -3.07 10.99 -4.78
N VAL B 77 -4.12 10.58 -4.06
CA VAL B 77 -4.06 9.33 -3.31
C VAL B 77 -5.03 8.31 -3.89
N LEU B 78 -4.60 7.06 -3.98
CA LEU B 78 -5.41 5.98 -4.52
C LEU B 78 -5.25 4.79 -3.59
N PRO B 79 -6.25 3.92 -3.50
CA PRO B 79 -6.12 2.76 -2.62
C PRO B 79 -5.27 1.67 -3.28
N GLN B 80 -4.63 0.85 -2.45
CA GLN B 80 -3.81 -0.28 -2.91
C GLN B 80 -4.36 -1.44 -2.11
N CYS B 81 -5.52 -1.93 -2.51
CA CYS B 81 -6.17 -3.01 -1.79
C CYS B 81 -6.53 -4.25 -2.62
N GLU B 82 -6.25 -4.19 -3.92
CA GLU B 82 -6.58 -5.32 -4.78
C GLU B 82 -5.42 -6.27 -4.99
N CYS B 83 -5.73 -7.55 -5.12
CA CYS B 83 -4.73 -8.57 -5.36
C CYS B 83 -4.79 -8.84 -6.87
N ARG B 84 -3.65 -8.95 -7.51
CA ARG B 84 -3.62 -9.24 -8.94
C ARG B 84 -3.17 -10.68 -9.12
N CYS B 85 -4.11 -11.59 -8.82
CA CYS B 85 -3.86 -13.02 -8.91
C CYS B 85 -4.02 -13.57 -10.30
N ARG B 86 -3.54 -14.80 -10.48
CA ARG B 86 -3.64 -15.48 -11.76
C ARG B 86 -5.07 -16.00 -11.98
N ASP B 87 -5.62 -15.81 -13.17
CA ASP B 87 -6.96 -16.33 -13.46
C ASP B 87 -6.82 -17.59 -14.33
N GLN B 88 -7.95 -18.19 -14.71
CA GLN B 88 -7.94 -19.43 -15.51
C GLN B 88 -7.98 -19.28 -17.02
N SER B 89 -7.82 -18.07 -17.54
CA SER B 89 -7.89 -17.86 -18.99
C SER B 89 -7.12 -18.83 -19.89
N ARG B 90 -5.99 -19.34 -19.42
CA ARG B 90 -5.20 -20.24 -20.28
C ARG B 90 -5.24 -21.73 -19.90
N ASP B 91 -6.33 -22.15 -19.26
CA ASP B 91 -6.45 -23.55 -18.87
C ASP B 91 -7.87 -23.94 -18.45
N ARG B 92 -8.59 -24.56 -19.38
CA ARG B 92 -9.96 -24.98 -19.13
C ARG B 92 -10.03 -26.13 -18.14
N SER B 93 -8.88 -26.68 -17.76
CA SER B 93 -8.88 -27.78 -16.80
C SER B 93 -8.88 -27.30 -15.36
N LEU B 94 -8.45 -26.06 -15.13
CA LEU B 94 -8.45 -25.51 -13.77
C LEU B 94 -9.85 -25.65 -13.17
N CYS B 95 -9.91 -26.08 -11.92
CA CYS B 95 -11.19 -26.28 -11.23
C CYS B 95 -12.07 -27.25 -12.02
N HIS B 96 -11.43 -28.13 -12.77
CA HIS B 96 -12.12 -29.12 -13.59
C HIS B 96 -13.03 -28.47 -14.62
N GLY B 97 -12.81 -27.18 -14.86
CA GLY B 97 -13.63 -26.45 -15.81
C GLY B 97 -15.07 -26.34 -15.35
N LYS B 98 -15.28 -26.36 -14.04
CA LYS B 98 -16.62 -26.26 -13.47
C LYS B 98 -16.69 -25.28 -12.31
N GLY B 99 -15.88 -24.23 -12.38
CA GLY B 99 -15.87 -23.23 -11.32
C GLY B 99 -14.91 -22.10 -11.67
N PHE B 100 -14.95 -21.01 -10.92
CA PHE B 100 -14.06 -19.87 -11.16
C PHE B 100 -12.85 -19.89 -10.23
N LEU B 101 -11.66 -19.70 -10.79
CA LEU B 101 -10.43 -19.69 -9.99
C LEU B 101 -10.19 -18.26 -9.52
N GLU B 102 -10.22 -18.06 -8.21
CA GLU B 102 -10.02 -16.72 -7.64
C GLU B 102 -8.94 -16.74 -6.57
N CYS B 103 -7.77 -16.23 -6.96
CA CYS B 103 -6.63 -16.17 -6.06
C CYS B 103 -6.30 -17.50 -5.40
N GLY B 104 -6.30 -18.56 -6.19
CA GLY B 104 -5.98 -19.89 -5.68
C GLY B 104 -7.14 -20.77 -5.23
N ILE B 105 -8.33 -20.19 -5.08
CA ILE B 105 -9.49 -20.94 -4.63
C ILE B 105 -10.55 -21.13 -5.73
N CYS B 106 -11.09 -22.33 -5.83
CA CYS B 106 -12.11 -22.62 -6.83
C CYS B 106 -13.50 -22.34 -6.25
N ARG B 107 -14.26 -21.54 -6.97
CA ARG B 107 -15.63 -21.20 -6.58
C ARG B 107 -16.47 -21.99 -7.58
N CYS B 108 -16.82 -23.22 -7.20
CA CYS B 108 -17.56 -24.12 -8.05
C CYS B 108 -18.93 -23.67 -8.54
N ASP B 109 -19.29 -24.13 -9.73
CA ASP B 109 -20.59 -23.81 -10.31
C ASP B 109 -21.63 -24.62 -9.56
N THR B 110 -22.87 -24.16 -9.57
CA THR B 110 -23.95 -24.86 -8.89
C THR B 110 -23.98 -26.32 -9.33
N GLY B 111 -24.12 -27.22 -8.37
CA GLY B 111 -24.17 -28.64 -8.68
C GLY B 111 -22.82 -29.31 -8.51
N TYR B 112 -21.77 -28.49 -8.38
CA TYR B 112 -20.43 -29.01 -8.20
C TYR B 112 -19.86 -28.65 -6.84
N ILE B 113 -19.16 -29.60 -6.24
CA ILE B 113 -18.57 -29.38 -4.92
C ILE B 113 -17.15 -29.98 -4.91
N GLY B 114 -16.39 -29.64 -3.88
CA GLY B 114 -15.03 -30.13 -3.77
C GLY B 114 -14.07 -28.96 -3.93
N LYS B 115 -12.89 -29.06 -3.33
CA LYS B 115 -11.91 -27.98 -3.44
C LYS B 115 -11.49 -27.74 -4.89
N ASN B 116 -11.72 -28.71 -5.75
CA ASN B 116 -11.38 -28.57 -7.15
C ASN B 116 -12.60 -28.78 -8.06
N CYS B 117 -13.79 -28.71 -7.44
CA CYS B 117 -15.05 -28.87 -8.16
C CYS B 117 -15.11 -30.20 -8.89
N GLU B 118 -14.64 -31.26 -8.24
CA GLU B 118 -14.61 -32.58 -8.85
C GLU B 118 -15.77 -33.51 -8.52
N HIS B 119 -16.29 -33.41 -7.30
CA HIS B 119 -17.37 -34.29 -6.83
C HIS B 119 -18.75 -34.22 -7.47
N HIS B 120 -19.76 -34.60 -6.68
CA HIS B 120 -21.16 -34.61 -7.09
C HIS B 120 -21.36 -35.38 -8.39
#